data_3FLT
#
_entry.id   3FLT
#
_cell.length_a   172.390
_cell.length_b   172.390
_cell.length_c   98.370
_cell.angle_alpha   90.000
_cell.angle_beta   90.000
_cell.angle_gamma   90.000
#
_symmetry.space_group_name_H-M   'I 4 2 2'
#
loop_
_entity.id
_entity.type
_entity.pdbx_description
1 polymer 'SAP-like pentraxin'
2 non-polymer 'CALCIUM ION'
3 non-polymer 'PHOSPHORIC ACID MONO-(2-AMINO-ETHYL) ESTER'
#
_entity_poly.entity_id   1
_entity_poly.type   'polypeptide(L)'
_entity_poly.pdbx_seq_one_letter_code
;AVDIRDVKISFPGTQNPKFPHLRFMQTLPAVRQLTVCQRIKPFHRNTGYIFSCATSNQDNQFITSMYVKSDGTLNLGLQV
NASSNKYISCPIEIELGQWYHVCHVWSGVDGRMAVYANGSPCGTMENVGKGHQISAGGTVVIGQEQDKIGGGFEEQESWS
GELSDLQVWDEALTTHQVSTVASCNGIRPRGNVISWMEDSFVADDGVIVGISHMCSL
;
_entity_poly.pdbx_strand_id   A,B
#
# COMPACT_ATOMS: atom_id res chain seq x y z
N ALA A 1 7.71 19.55 4.70
CA ALA A 1 6.96 18.66 3.77
C ALA A 1 6.95 17.23 4.32
N VAL A 2 7.07 16.27 3.43
CA VAL A 2 7.11 14.87 3.84
C VAL A 2 8.48 14.65 4.43
N ASP A 3 8.54 13.82 5.47
CA ASP A 3 9.83 13.54 6.08
C ASP A 3 10.58 12.54 5.21
N ILE A 4 11.86 12.82 4.99
CA ILE A 4 12.70 11.97 4.16
C ILE A 4 12.65 10.50 4.60
N ARG A 5 12.27 10.24 5.84
CA ARG A 5 12.18 8.86 6.33
C ARG A 5 10.98 8.13 5.77
N ASP A 6 10.06 8.86 5.15
CA ASP A 6 8.88 8.24 4.59
C ASP A 6 9.08 7.76 3.16
N VAL A 7 10.30 7.90 2.66
CA VAL A 7 10.61 7.43 1.31
C VAL A 7 10.55 5.91 1.38
N LYS A 8 10.02 5.27 0.34
CA LYS A 8 9.96 3.82 0.35
C LYS A 8 10.48 3.25 -0.95
N ILE A 9 10.87 1.98 -0.91
CA ILE A 9 11.37 1.30 -2.10
C ILE A 9 10.45 0.12 -2.37
N SER A 10 10.05 -0.07 -3.62
CA SER A 10 9.21 -1.20 -3.95
C SER A 10 10.07 -2.25 -4.64
N PHE A 11 9.94 -3.50 -4.19
CA PHE A 11 10.65 -4.62 -4.76
C PHE A 11 9.54 -5.38 -5.49
N PRO A 12 9.33 -5.03 -6.77
CA PRO A 12 8.34 -5.54 -7.72
C PRO A 12 8.13 -7.04 -7.75
N GLY A 13 9.22 -7.79 -7.91
CA GLY A 13 9.11 -9.24 -7.99
C GLY A 13 10.36 -9.73 -8.67
N THR A 14 10.78 -10.95 -8.33
CA THR A 14 12.02 -11.48 -8.90
C THR A 14 11.88 -12.67 -9.84
N GLN A 15 12.61 -12.60 -10.94
CA GLN A 15 12.64 -13.69 -11.91
C GLN A 15 13.89 -13.57 -12.75
N ASN A 16 14.76 -14.57 -12.60
CA ASN A 16 16.03 -14.64 -13.32
C ASN A 16 15.87 -14.12 -14.75
N PRO A 17 16.77 -13.24 -15.21
CA PRO A 17 17.94 -12.66 -14.53
C PRO A 17 17.69 -11.33 -13.81
N LYS A 18 16.44 -10.93 -13.64
CA LYS A 18 16.12 -9.67 -12.96
C LYS A 18 15.93 -9.84 -11.44
N PHE A 19 16.82 -9.23 -10.66
CA PHE A 19 16.74 -9.31 -9.20
C PHE A 19 16.68 -7.95 -8.52
N PRO A 20 15.49 -7.34 -8.45
CA PRO A 20 15.41 -6.03 -7.79
C PRO A 20 15.99 -6.06 -6.36
N HIS A 21 16.90 -5.14 -6.07
CA HIS A 21 17.53 -5.09 -4.77
C HIS A 21 18.21 -3.74 -4.52
N LEU A 22 18.73 -3.59 -3.30
CA LEU A 22 19.48 -2.39 -2.88
C LEU A 22 20.81 -2.89 -2.32
N ARG A 23 21.89 -2.19 -2.60
CA ARG A 23 23.19 -2.57 -2.04
C ARG A 23 23.76 -1.32 -1.39
N PHE A 24 24.01 -1.37 -0.09
CA PHE A 24 24.56 -0.21 0.60
C PHE A 24 26.01 0.04 0.22
N MET A 25 26.29 1.28 -0.15
CA MET A 25 27.62 1.71 -0.60
C MET A 25 28.75 1.43 0.36
N GLN A 26 28.51 1.67 1.63
CA GLN A 26 29.53 1.48 2.65
C GLN A 26 29.28 0.20 3.45
N THR A 27 30.30 -0.65 3.56
CA THR A 27 30.15 -1.90 4.30
C THR A 27 30.04 -1.63 5.80
N LEU A 28 29.56 -2.61 6.54
CA LEU A 28 29.41 -2.48 7.99
C LEU A 28 30.70 -2.69 8.75
N PRO A 29 30.80 -2.07 9.94
CA PRO A 29 32.02 -2.24 10.75
C PRO A 29 31.81 -3.57 11.46
N ALA A 30 32.84 -4.11 12.11
CA ALA A 30 32.67 -5.35 12.82
C ALA A 30 31.64 -5.08 13.93
N VAL A 31 30.84 -6.09 14.25
CA VAL A 31 29.82 -5.94 15.30
C VAL A 31 29.67 -7.20 16.12
N ARG A 32 29.12 -7.06 17.31
CA ARG A 32 28.91 -8.19 18.20
C ARG A 32 27.44 -8.27 18.53
N GLN A 33 26.71 -7.24 18.12
CA GLN A 33 25.28 -7.14 18.33
C GLN A 33 24.75 -6.36 17.15
N LEU A 34 23.48 -6.56 16.82
CA LEU A 34 22.89 -5.87 15.69
C LEU A 34 21.37 -5.85 15.82
N THR A 35 20.78 -4.69 15.58
CA THR A 35 19.33 -4.53 15.62
C THR A 35 18.89 -3.91 14.32
N VAL A 36 18.00 -4.60 13.60
CA VAL A 36 17.52 -4.12 12.32
C VAL A 36 16.01 -3.95 12.35
N CYS A 37 15.56 -2.73 12.14
CA CYS A 37 14.13 -2.44 12.13
C CYS A 37 13.75 -1.76 10.83
N GLN A 38 12.49 -1.95 10.43
CA GLN A 38 11.98 -1.34 9.22
C GLN A 38 10.49 -1.58 9.08
N ARG A 39 9.87 -0.79 8.22
CA ARG A 39 8.46 -0.90 7.94
C ARG A 39 8.37 -1.68 6.62
N ILE A 40 7.56 -2.74 6.61
CA ILE A 40 7.42 -3.55 5.41
C ILE A 40 5.98 -3.81 5.02
N LYS A 41 5.76 -3.93 3.72
CA LYS A 41 4.47 -4.26 3.15
C LYS A 41 4.78 -5.50 2.31
N PRO A 42 4.55 -6.70 2.89
CA PRO A 42 4.81 -7.95 2.18
C PRO A 42 3.84 -8.26 1.06
N PHE A 43 4.36 -8.80 -0.04
CA PHE A 43 3.53 -9.17 -1.19
C PHE A 43 3.23 -10.67 -1.21
N HIS A 44 4.11 -11.49 -0.67
CA HIS A 44 3.86 -12.93 -0.67
C HIS A 44 3.98 -13.58 0.71
N ARG A 45 3.35 -14.74 0.87
CA ARG A 45 3.38 -15.45 2.14
C ARG A 45 4.64 -16.30 2.27
N ASN A 46 5.23 -16.65 1.13
CA ASN A 46 6.41 -17.49 1.15
C ASN A 46 7.66 -16.76 1.66
N THR A 47 8.59 -17.53 2.21
CA THR A 47 9.83 -17.02 2.76
C THR A 47 10.60 -16.10 1.83
N GLY A 48 11.09 -15.01 2.39
CA GLY A 48 11.87 -14.05 1.63
C GLY A 48 12.90 -13.43 2.55
N TYR A 49 14.08 -13.15 2.02
CA TYR A 49 15.13 -12.53 2.82
C TYR A 49 15.11 -11.03 2.60
N ILE A 50 15.04 -10.28 3.70
CA ILE A 50 14.97 -8.83 3.63
C ILE A 50 16.33 -8.15 3.74
N PHE A 51 17.01 -8.40 4.87
CA PHE A 51 18.34 -7.83 5.16
C PHE A 51 19.39 -8.93 5.08
N SER A 52 20.33 -8.78 4.15
CA SER A 52 21.39 -9.77 3.94
C SER A 52 22.77 -9.13 4.09
N CYS A 53 23.59 -9.71 4.95
CA CYS A 53 24.94 -9.20 5.18
C CYS A 53 25.97 -10.29 4.92
N ALA A 54 26.95 -9.98 4.07
CA ALA A 54 27.97 -10.94 3.71
C ALA A 54 29.38 -10.38 3.66
N THR A 55 30.34 -11.23 3.98
CA THR A 55 31.76 -10.89 3.92
C THR A 55 32.36 -11.94 3.00
N SER A 56 33.59 -11.70 2.55
CA SER A 56 34.27 -12.62 1.64
C SER A 56 34.38 -14.05 2.16
N ASN A 57 34.58 -14.18 3.46
CA ASN A 57 34.72 -15.49 4.07
C ASN A 57 33.38 -16.13 4.48
N GLN A 58 32.33 -15.32 4.56
CA GLN A 58 31.01 -15.80 4.98
C GLN A 58 29.89 -14.99 4.35
N ASP A 59 29.18 -15.59 3.40
CA ASP A 59 28.08 -14.91 2.72
C ASP A 59 26.81 -14.86 3.58
N ASN A 60 26.76 -15.67 4.63
CA ASN A 60 25.61 -15.69 5.52
C ASN A 60 25.98 -15.19 6.91
N GLN A 61 26.53 -13.99 6.98
CA GLN A 61 26.92 -13.42 8.27
C GLN A 61 25.67 -13.11 9.09
N PHE A 62 24.71 -12.44 8.46
CA PHE A 62 23.49 -12.05 9.14
C PHE A 62 22.39 -11.88 8.09
N ILE A 63 21.29 -12.63 8.24
CA ILE A 63 20.19 -12.57 7.28
C ILE A 63 18.83 -12.62 7.95
N THR A 64 17.98 -11.62 7.71
CA THR A 64 16.64 -11.63 8.29
C THR A 64 15.65 -12.09 7.22
N SER A 65 14.55 -12.69 7.66
CA SER A 65 13.55 -13.18 6.73
C SER A 65 12.22 -13.31 7.43
N MET A 66 11.18 -13.59 6.64
CA MET A 66 9.84 -13.75 7.16
C MET A 66 9.03 -14.62 6.21
N TYR A 67 7.89 -15.09 6.71
CA TYR A 67 6.94 -15.87 5.93
C TYR A 67 5.65 -15.83 6.73
N VAL A 68 4.53 -16.08 6.06
CA VAL A 68 3.24 -16.04 6.72
C VAL A 68 2.60 -17.42 6.63
N LYS A 69 2.14 -17.93 7.76
CA LYS A 69 1.47 -19.24 7.82
C LYS A 69 0.13 -19.16 7.08
N SER A 70 -0.54 -20.29 6.94
CA SER A 70 -1.83 -20.29 6.25
C SER A 70 -2.88 -19.54 7.07
N ASP A 71 -2.80 -19.63 8.40
CA ASP A 71 -3.77 -18.92 9.23
C ASP A 71 -3.45 -17.43 9.28
N GLY A 72 -2.37 -17.03 8.62
CA GLY A 72 -2.00 -15.63 8.56
C GLY A 72 -0.98 -15.18 9.58
N THR A 73 -0.53 -16.08 10.44
CA THR A 73 0.44 -15.75 11.48
C THR A 73 1.80 -15.33 10.90
N LEU A 74 2.35 -14.25 11.45
CA LEU A 74 3.65 -13.77 11.00
C LEU A 74 4.78 -14.59 11.62
N ASN A 75 5.83 -14.83 10.85
CA ASN A 75 6.98 -15.57 11.34
C ASN A 75 8.24 -14.87 10.93
N LEU A 76 9.00 -14.40 11.91
CA LEU A 76 10.24 -13.70 11.63
C LEU A 76 11.44 -14.61 11.84
N GLY A 77 12.32 -14.64 10.85
CA GLY A 77 13.48 -15.49 10.96
C GLY A 77 14.80 -14.75 10.96
N LEU A 78 15.81 -15.41 11.52
CA LEU A 78 17.16 -14.86 11.60
C LEU A 78 18.18 -15.97 11.41
N GLN A 79 19.29 -15.64 10.76
CA GLN A 79 20.36 -16.59 10.55
C GLN A 79 21.68 -15.88 10.79
N VAL A 80 22.52 -16.45 11.66
CA VAL A 80 23.83 -15.87 11.97
C VAL A 80 24.96 -16.88 11.73
N ASN A 81 26.04 -16.42 11.11
CA ASN A 81 27.21 -17.26 10.82
C ASN A 81 26.79 -18.58 10.18
N ALA A 82 25.91 -18.49 9.18
CA ALA A 82 25.41 -19.64 8.45
C ALA A 82 24.72 -20.72 9.29
N SER A 83 24.06 -20.32 10.37
CA SER A 83 23.32 -21.28 11.18
C SER A 83 22.04 -21.56 10.41
N SER A 84 21.12 -22.30 10.99
CA SER A 84 19.87 -22.56 10.30
C SER A 84 18.98 -21.37 10.62
N ASN A 85 18.01 -21.08 9.76
CA ASN A 85 17.11 -19.97 10.03
C ASN A 85 16.29 -20.26 11.27
N LYS A 86 16.39 -19.37 12.26
CA LYS A 86 15.65 -19.50 13.51
C LYS A 86 14.39 -18.69 13.33
N TYR A 87 13.25 -19.26 13.70
CA TYR A 87 11.99 -18.56 13.56
C TYR A 87 11.23 -18.37 14.86
N ILE A 88 10.52 -17.26 14.94
CA ILE A 88 9.71 -16.92 16.10
C ILE A 88 8.42 -16.39 15.53
N SER A 89 7.29 -16.99 15.89
CA SER A 89 6.02 -16.50 15.36
C SER A 89 5.47 -15.38 16.21
N CYS A 90 4.75 -14.49 15.55
CA CYS A 90 4.16 -13.33 16.19
C CYS A 90 2.65 -13.43 16.23
N PRO A 91 2.05 -13.13 17.40
CA PRO A 91 0.59 -13.18 17.56
C PRO A 91 -0.12 -12.07 16.80
N ILE A 92 0.08 -12.02 15.49
CA ILE A 92 -0.54 -11.01 14.66
C ILE A 92 -0.87 -11.60 13.30
N GLU A 93 -2.06 -11.30 12.80
CA GLU A 93 -2.47 -11.82 11.50
C GLU A 93 -2.07 -10.88 10.36
N ILE A 94 -1.21 -11.37 9.47
CA ILE A 94 -0.73 -10.57 8.36
C ILE A 94 -1.65 -10.60 7.15
N GLU A 95 -1.84 -9.43 6.56
CA GLU A 95 -2.64 -9.26 5.35
C GLU A 95 -1.69 -8.73 4.32
N LEU A 96 -1.33 -9.55 3.34
CA LEU A 96 -0.41 -9.11 2.30
C LEU A 96 -0.85 -7.77 1.74
N GLY A 97 0.09 -6.86 1.50
CA GLY A 97 -0.27 -5.56 0.98
C GLY A 97 -0.52 -4.52 2.05
N GLN A 98 -0.36 -4.89 3.31
CA GLN A 98 -0.54 -3.93 4.41
C GLN A 98 0.80 -3.69 5.10
N TRP A 99 0.93 -2.54 5.76
CA TRP A 99 2.15 -2.16 6.47
C TRP A 99 2.30 -2.72 7.88
N TYR A 100 3.54 -3.04 8.25
CA TYR A 100 3.85 -3.54 9.59
C TYR A 100 5.26 -3.10 9.93
N HIS A 101 5.51 -2.85 11.21
CA HIS A 101 6.87 -2.50 11.62
C HIS A 101 7.49 -3.78 12.21
N VAL A 102 8.72 -4.07 11.82
CA VAL A 102 9.40 -5.28 12.27
C VAL A 102 10.83 -4.99 12.73
N CYS A 103 11.25 -5.63 13.82
CA CYS A 103 12.63 -5.48 14.30
C CYS A 103 13.20 -6.86 14.59
N HIS A 104 14.51 -6.99 14.37
CA HIS A 104 15.24 -8.21 14.66
C HIS A 104 16.35 -7.75 15.56
N VAL A 105 16.38 -8.26 16.80
CA VAL A 105 17.42 -7.89 17.73
C VAL A 105 18.29 -9.10 17.97
N TRP A 106 19.59 -8.98 17.69
CA TRP A 106 20.52 -10.07 17.88
C TRP A 106 21.74 -9.68 18.74
N SER A 107 22.14 -10.57 19.62
CA SER A 107 23.31 -10.33 20.45
C SER A 107 24.26 -11.53 20.43
N GLY A 108 25.38 -11.38 19.76
CA GLY A 108 26.34 -12.46 19.71
C GLY A 108 26.98 -12.68 21.06
N VAL A 109 26.88 -11.70 21.94
CA VAL A 109 27.49 -11.82 23.25
C VAL A 109 26.85 -12.93 24.07
N ASP A 110 25.53 -12.93 24.17
CA ASP A 110 24.87 -14.00 24.93
C ASP A 110 24.15 -14.97 24.02
N GLY A 111 24.17 -14.67 22.71
CA GLY A 111 23.53 -15.52 21.72
C GLY A 111 22.01 -15.44 21.68
N ARG A 112 21.44 -14.36 22.17
CA ARG A 112 20.00 -14.22 22.19
C ARG A 112 19.42 -13.51 20.97
N MET A 113 18.29 -14.03 20.53
CA MET A 113 17.54 -13.49 19.39
C MET A 113 16.15 -13.10 19.87
N ALA A 114 15.71 -11.91 19.46
CA ALA A 114 14.38 -11.41 19.82
C ALA A 114 13.80 -10.66 18.64
N VAL A 115 12.53 -10.88 18.36
CA VAL A 115 11.86 -10.19 17.26
C VAL A 115 10.65 -9.42 17.74
N TYR A 116 10.32 -8.36 17.02
CA TYR A 116 9.20 -7.53 17.38
C TYR A 116 8.32 -7.22 16.17
N ALA A 117 7.01 -7.16 16.40
CA ALA A 117 6.07 -6.83 15.34
C ALA A 117 5.24 -5.65 15.88
N ASN A 118 5.34 -4.50 15.22
CA ASN A 118 4.64 -3.29 15.62
C ASN A 118 5.02 -2.79 17.03
N GLY A 119 6.31 -2.84 17.34
CA GLY A 119 6.80 -2.38 18.63
C GLY A 119 6.63 -3.33 19.80
N SER A 120 5.96 -4.45 19.59
CA SER A 120 5.75 -5.42 20.67
C SER A 120 6.59 -6.68 20.49
N PRO A 121 7.05 -7.27 21.59
CA PRO A 121 7.87 -8.47 21.56
C PRO A 121 7.04 -9.72 21.22
N CYS A 122 7.54 -10.53 20.28
CA CYS A 122 6.85 -11.75 19.88
C CYS A 122 7.40 -12.94 20.63
N GLY A 123 8.66 -12.82 21.05
CA GLY A 123 9.31 -13.90 21.78
C GLY A 123 10.81 -13.85 21.56
N THR A 124 11.54 -14.72 22.24
CA THR A 124 12.98 -14.74 22.09
C THR A 124 13.48 -16.16 21.87
N MET A 125 14.75 -16.28 21.52
CA MET A 125 15.34 -17.59 21.30
C MET A 125 16.81 -17.58 21.68
N GLU A 126 17.30 -18.70 22.21
CA GLU A 126 18.70 -18.79 22.62
C GLU A 126 19.59 -19.48 21.60
N ASN A 127 20.88 -19.47 21.86
CA ASN A 127 21.86 -20.10 20.97
C ASN A 127 21.75 -19.71 19.51
N VAL A 128 21.83 -18.42 19.22
CA VAL A 128 21.78 -17.95 17.85
C VAL A 128 23.01 -17.07 17.70
N GLY A 129 24.06 -17.62 17.12
CA GLY A 129 25.28 -16.86 16.95
C GLY A 129 26.00 -16.58 18.25
N LYS A 130 25.78 -17.44 19.24
CA LYS A 130 26.40 -17.27 20.55
C LYS A 130 27.91 -17.29 20.41
N GLY A 131 28.54 -16.20 20.83
CA GLY A 131 29.99 -16.13 20.75
C GLY A 131 30.49 -15.66 19.41
N HIS A 132 29.59 -15.50 18.45
CA HIS A 132 29.99 -15.05 17.12
C HIS A 132 30.10 -13.53 16.98
N GLN A 133 31.06 -13.10 16.18
CA GLN A 133 31.27 -11.69 15.92
C GLN A 133 31.33 -11.54 14.42
N ILE A 134 30.47 -10.71 13.87
CA ILE A 134 30.48 -10.50 12.44
C ILE A 134 31.78 -9.76 12.09
N SER A 135 32.54 -10.31 11.14
CA SER A 135 33.81 -9.71 10.73
C SER A 135 33.57 -8.37 10.05
N ALA A 136 34.54 -7.48 10.19
CA ALA A 136 34.47 -6.17 9.59
C ALA A 136 34.30 -6.28 8.07
N GLY A 137 33.62 -5.29 7.47
CA GLY A 137 33.44 -5.26 6.03
C GLY A 137 32.23 -5.94 5.42
N GLY A 138 31.20 -6.17 6.21
CA GLY A 138 30.01 -6.82 5.67
C GLY A 138 29.29 -5.94 4.66
N THR A 139 28.87 -6.55 3.55
CA THR A 139 28.13 -5.82 2.54
C THR A 139 26.66 -6.10 2.78
N VAL A 140 25.84 -5.06 2.73
CA VAL A 140 24.43 -5.19 2.97
C VAL A 140 23.58 -5.08 1.69
N VAL A 141 22.70 -6.07 1.51
CA VAL A 141 21.81 -6.09 0.38
C VAL A 141 20.38 -6.23 0.91
N ILE A 142 19.45 -5.47 0.33
CA ILE A 142 18.05 -5.52 0.74
C ILE A 142 17.20 -6.11 -0.37
N GLY A 143 16.37 -7.08 -0.03
CA GLY A 143 15.49 -7.69 -1.03
C GLY A 143 15.98 -8.96 -1.67
N GLN A 144 17.27 -9.28 -1.52
CA GLN A 144 17.84 -10.48 -2.13
C GLN A 144 18.82 -11.11 -1.15
N GLU A 145 19.05 -12.42 -1.28
CA GLU A 145 19.97 -13.14 -0.39
C GLU A 145 21.30 -13.41 -1.11
N GLN A 146 22.37 -12.82 -0.61
CA GLN A 146 23.69 -12.96 -1.21
C GLN A 146 24.35 -14.32 -1.01
N ASP A 147 24.95 -14.84 -2.07
CA ASP A 147 25.69 -16.09 -1.97
C ASP A 147 27.11 -15.69 -2.35
N LYS A 148 27.26 -14.39 -2.57
CA LYS A 148 28.51 -13.77 -2.94
C LYS A 148 28.37 -12.27 -2.66
N ILE A 149 29.47 -11.58 -2.37
CA ILE A 149 29.38 -10.16 -2.07
C ILE A 149 28.60 -9.42 -3.15
N GLY A 150 27.42 -8.91 -2.78
CA GLY A 150 26.61 -8.16 -3.70
C GLY A 150 25.98 -8.96 -4.83
N GLY A 151 25.94 -10.28 -4.69
CA GLY A 151 25.36 -11.08 -5.76
C GLY A 151 25.04 -12.54 -5.45
N GLY A 152 24.92 -13.34 -6.51
CA GLY A 152 24.60 -14.74 -6.35
C GLY A 152 23.21 -14.89 -5.79
N PHE A 153 22.26 -14.11 -6.32
CA PHE A 153 20.89 -14.14 -5.85
C PHE A 153 20.07 -15.32 -6.38
N GLU A 154 19.14 -15.80 -5.56
CA GLU A 154 18.25 -16.90 -5.92
C GLU A 154 16.83 -16.36 -5.86
N GLU A 155 16.04 -16.58 -6.91
CA GLU A 155 14.68 -16.07 -6.93
C GLU A 155 13.80 -16.53 -5.78
N GLN A 156 13.86 -17.82 -5.46
CA GLN A 156 13.00 -18.33 -4.39
C GLN A 156 13.39 -17.83 -3.02
N GLU A 157 14.46 -17.03 -2.96
CA GLU A 157 14.92 -16.48 -1.68
C GLU A 157 14.77 -14.96 -1.63
N SER A 158 14.23 -14.38 -2.69
CA SER A 158 14.04 -12.94 -2.75
C SER A 158 12.82 -12.54 -1.91
N TRP A 159 12.68 -11.24 -1.67
CA TRP A 159 11.55 -10.73 -0.89
C TRP A 159 10.92 -9.59 -1.66
N SER A 160 9.63 -9.72 -1.96
CA SER A 160 8.93 -8.68 -2.68
C SER A 160 7.97 -7.93 -1.78
N GLY A 161 7.88 -6.63 -1.98
CA GLY A 161 7.00 -5.82 -1.17
C GLY A 161 7.54 -4.41 -1.14
N GLU A 162 7.04 -3.62 -0.20
CA GLU A 162 7.48 -2.24 -0.06
C GLU A 162 8.18 -2.11 1.28
N LEU A 163 9.22 -1.28 1.32
CA LEU A 163 10.00 -1.10 2.54
C LEU A 163 10.45 0.35 2.75
N SER A 164 10.52 0.74 4.01
CA SER A 164 10.97 2.09 4.36
C SER A 164 11.37 2.17 5.82
N ASP A 165 12.03 3.27 6.18
CA ASP A 165 12.46 3.51 7.54
C ASP A 165 13.40 2.43 8.08
N LEU A 166 14.37 2.02 7.28
CA LEU A 166 15.34 1.01 7.72
C LEU A 166 16.32 1.67 8.69
N GLN A 167 16.36 1.17 9.92
CA GLN A 167 17.26 1.69 10.95
C GLN A 167 18.04 0.51 11.52
N VAL A 168 19.36 0.66 11.62
CA VAL A 168 20.21 -0.42 12.13
C VAL A 168 21.22 0.07 13.16
N TRP A 169 21.24 -0.62 14.31
CA TRP A 169 22.14 -0.29 15.41
C TRP A 169 23.12 -1.44 15.66
N ASP A 170 24.32 -1.12 16.14
CA ASP A 170 25.29 -2.15 16.45
C ASP A 170 25.18 -2.50 17.93
N GLU A 171 23.98 -2.32 18.47
CA GLU A 171 23.67 -2.64 19.86
C GLU A 171 22.39 -3.47 19.86
N ALA A 172 22.11 -4.15 20.96
CA ALA A 172 20.90 -4.96 21.04
C ALA A 172 19.88 -4.14 21.83
N LEU A 173 19.03 -3.42 21.12
CA LEU A 173 18.01 -2.57 21.74
C LEU A 173 17.15 -3.30 22.75
N THR A 174 16.63 -2.56 23.73
CA THR A 174 15.76 -3.14 24.74
C THR A 174 14.31 -3.13 24.27
N THR A 175 13.45 -3.85 24.99
CA THR A 175 12.05 -3.94 24.67
C THR A 175 11.41 -2.55 24.65
N HIS A 176 11.76 -1.73 25.63
CA HIS A 176 11.20 -0.39 25.66
C HIS A 176 11.74 0.46 24.51
N GLN A 177 13.01 0.32 24.18
CA GLN A 177 13.59 1.09 23.10
C GLN A 177 12.90 0.76 21.78
N VAL A 178 12.77 -0.53 21.50
CA VAL A 178 12.13 -1.00 20.27
C VAL A 178 10.75 -0.36 20.10
N SER A 179 9.96 -0.33 21.15
CA SER A 179 8.63 0.26 21.04
C SER A 179 8.68 1.73 20.61
N THR A 180 9.69 2.47 21.06
CA THR A 180 9.82 3.87 20.69
C THR A 180 10.21 4.00 19.21
N VAL A 181 10.87 2.95 18.70
CA VAL A 181 11.31 2.92 17.30
C VAL A 181 10.14 2.68 16.34
N ALA A 182 9.29 1.72 16.68
CA ALA A 182 8.14 1.35 15.88
C ALA A 182 7.07 2.44 15.81
N SER A 183 6.99 3.23 16.86
CA SER A 183 6.00 4.29 16.95
C SER A 183 6.10 5.28 15.80
N CYS A 184 4.96 5.59 15.19
CA CYS A 184 4.91 6.52 14.06
C CYS A 184 5.05 7.99 14.44
N ASN A 185 4.59 8.34 15.63
CA ASN A 185 4.66 9.74 16.06
C ASN A 185 5.59 9.96 17.22
N GLY A 186 6.34 8.93 17.60
CA GLY A 186 7.27 9.08 18.70
C GLY A 186 8.35 10.07 18.30
N ILE A 187 9.59 9.78 18.70
CA ILE A 187 10.72 10.62 18.38
C ILE A 187 11.29 10.12 17.06
N ARG A 188 10.90 8.90 16.69
CA ARG A 188 11.40 8.29 15.46
C ARG A 188 12.92 8.27 15.54
N PRO A 189 13.48 7.31 16.30
CA PRO A 189 14.94 7.20 16.45
C PRO A 189 15.61 6.79 15.14
N ARG A 190 16.89 7.11 15.00
CA ARG A 190 17.64 6.75 13.81
C ARG A 190 18.78 5.81 14.14
N GLY A 191 18.95 4.78 13.31
CA GLY A 191 20.02 3.82 13.54
C GLY A 191 21.38 4.48 13.46
N ASN A 192 22.32 4.00 14.26
CA ASN A 192 23.66 4.57 14.27
C ASN A 192 24.59 3.92 13.24
N VAL A 193 24.22 2.74 12.76
CA VAL A 193 25.04 2.04 11.76
C VAL A 193 24.49 2.36 10.37
N ILE A 194 23.18 2.29 10.24
CA ILE A 194 22.50 2.61 8.98
C ILE A 194 21.24 3.39 9.33
N SER A 195 21.08 4.57 8.72
CA SER A 195 19.90 5.38 8.95
C SER A 195 19.28 5.62 7.59
N TRP A 196 18.04 5.14 7.42
CA TRP A 196 17.31 5.28 6.16
C TRP A 196 17.47 6.66 5.52
N MET A 197 17.89 6.66 4.25
CA MET A 197 18.07 7.87 3.47
C MET A 197 19.25 8.75 3.93
N GLU A 198 20.02 8.28 4.90
CA GLU A 198 21.19 9.03 5.36
C GLU A 198 22.48 8.28 5.02
N ASP A 199 22.33 7.06 4.52
CA ASP A 199 23.47 6.24 4.13
C ASP A 199 23.19 5.79 2.71
N SER A 200 23.95 6.31 1.77
CA SER A 200 23.73 6.01 0.36
C SER A 200 23.76 4.53 0.02
N PHE A 201 22.92 4.14 -0.95
CA PHE A 201 22.81 2.77 -1.39
C PHE A 201 22.56 2.71 -2.90
N VAL A 202 22.97 1.60 -3.51
CA VAL A 202 22.78 1.43 -4.95
C VAL A 202 21.45 0.76 -5.22
N ALA A 203 20.75 1.26 -6.22
CA ALA A 203 19.45 0.72 -6.61
C ALA A 203 19.60 0.04 -7.97
N ASP A 204 19.10 -1.19 -8.08
CA ASP A 204 19.22 -1.91 -9.33
C ASP A 204 18.02 -2.81 -9.62
N ASP A 205 17.88 -3.14 -10.90
CA ASP A 205 16.84 -4.02 -11.41
C ASP A 205 15.39 -3.64 -11.19
N GLY A 206 15.09 -2.38 -11.45
CA GLY A 206 13.73 -1.89 -11.36
C GLY A 206 13.04 -1.63 -10.04
N VAL A 207 13.78 -1.41 -8.96
CA VAL A 207 13.13 -1.11 -7.69
C VAL A 207 12.43 0.23 -7.92
N ILE A 208 11.31 0.45 -7.25
CA ILE A 208 10.59 1.71 -7.42
C ILE A 208 10.71 2.63 -6.21
N VAL A 209 11.12 3.87 -6.45
CA VAL A 209 11.25 4.85 -5.38
C VAL A 209 9.93 5.61 -5.24
N GLY A 210 9.31 5.52 -4.06
CA GLY A 210 8.05 6.19 -3.82
C GLY A 210 7.94 6.73 -2.41
N ILE A 211 6.71 6.84 -1.91
CA ILE A 211 6.46 7.38 -0.58
C ILE A 211 5.55 6.50 0.27
N SER A 212 6.01 6.13 1.46
CA SER A 212 5.24 5.29 2.37
C SER A 212 4.10 6.05 3.04
N HIS A 213 2.90 5.49 3.03
CA HIS A 213 1.75 6.13 3.66
C HIS A 213 1.31 5.42 4.93
N MET A 214 2.23 4.68 5.55
CA MET A 214 1.91 3.96 6.77
C MET A 214 1.65 4.91 7.91
N CYS A 215 2.61 5.79 8.15
CA CYS A 215 2.54 6.76 9.23
C CYS A 215 1.70 8.01 8.97
N SER A 216 1.76 8.52 7.75
CA SER A 216 1.02 9.71 7.39
C SER A 216 0.35 9.54 6.03
N LEU A 217 -0.85 10.09 5.91
CA LEU A 217 -1.61 9.97 4.68
C LEU A 217 -1.34 11.14 3.73
N ALA B 1 -11.15 31.74 1.66
CA ALA B 1 -12.52 31.60 1.10
C ALA B 1 -12.95 30.12 1.13
N VAL B 2 -13.66 29.69 0.09
CA VAL B 2 -14.10 28.31 0.01
C VAL B 2 -12.85 27.51 -0.35
N ASP B 3 -12.75 26.31 0.20
CA ASP B 3 -11.60 25.47 -0.12
C ASP B 3 -11.83 24.87 -1.50
N ILE B 4 -10.78 24.89 -2.30
CA ILE B 4 -10.83 24.37 -3.65
C ILE B 4 -11.34 22.92 -3.70
N ARG B 5 -11.27 22.20 -2.58
CA ARG B 5 -11.75 20.81 -2.55
C ARG B 5 -13.27 20.74 -2.51
N ASP B 6 -13.92 21.88 -2.28
CA ASP B 6 -15.38 21.90 -2.21
C ASP B 6 -16.02 22.12 -3.57
N VAL B 7 -15.19 22.18 -4.60
CA VAL B 7 -15.71 22.35 -5.96
C VAL B 7 -16.41 21.04 -6.28
N LYS B 8 -17.54 21.11 -6.98
CA LYS B 8 -18.25 19.88 -7.34
C LYS B 8 -18.62 19.89 -8.80
N ILE B 9 -18.87 18.70 -9.33
CA ILE B 9 -19.27 18.55 -10.72
C ILE B 9 -20.64 17.89 -10.74
N SER B 10 -21.54 18.42 -11.56
CA SER B 10 -22.88 17.84 -11.67
C SER B 10 -22.95 17.06 -12.96
N PHE B 11 -23.43 15.82 -12.87
CA PHE B 11 -23.62 14.97 -14.04
C PHE B 11 -25.13 14.93 -14.18
N PRO B 12 -25.68 15.89 -14.96
CA PRO B 12 -27.08 16.12 -15.27
C PRO B 12 -27.94 14.91 -15.61
N GLY B 13 -27.48 14.09 -16.55
CA GLY B 13 -28.25 12.93 -16.95
C GLY B 13 -27.76 12.53 -18.32
N THR B 14 -27.84 11.25 -18.63
CA THR B 14 -27.33 10.79 -19.92
C THR B 14 -28.36 10.24 -20.90
N GLN B 15 -28.22 10.66 -22.15
CA GLN B 15 -29.10 10.21 -23.21
C GLN B 15 -28.37 10.37 -24.54
N ASN B 16 -28.08 9.24 -25.18
CA ASN B 16 -27.38 9.23 -26.47
C ASN B 16 -27.88 10.37 -27.34
N PRO B 17 -26.94 11.12 -27.98
CA PRO B 17 -25.49 10.98 -27.94
C PRO B 17 -24.78 11.85 -26.88
N LYS B 18 -25.54 12.40 -25.93
CA LYS B 18 -24.95 13.24 -24.90
C LYS B 18 -24.56 12.43 -23.64
N PHE B 19 -23.26 12.36 -23.36
CA PHE B 19 -22.74 11.62 -22.20
C PHE B 19 -21.90 12.47 -21.27
N PRO B 20 -22.53 13.24 -20.37
CA PRO B 20 -21.73 14.06 -19.46
C PRO B 20 -20.70 13.23 -18.68
N HIS B 21 -19.45 13.66 -18.72
CA HIS B 21 -18.38 12.95 -18.02
C HIS B 21 -17.12 13.80 -17.85
N LEU B 22 -16.13 13.24 -17.14
CA LEU B 22 -14.84 13.87 -16.92
C LEU B 22 -13.79 12.86 -17.37
N ARG B 23 -12.72 13.34 -17.99
CA ARG B 23 -11.64 12.44 -18.39
C ARG B 23 -10.35 13.06 -17.87
N PHE B 24 -9.64 12.34 -17.01
CA PHE B 24 -8.41 12.88 -16.46
C PHE B 24 -7.32 12.93 -17.51
N MET B 25 -6.67 14.08 -17.62
CA MET B 25 -5.62 14.33 -18.58
C MET B 25 -4.44 13.37 -18.56
N GLN B 26 -3.99 13.04 -17.36
CA GLN B 26 -2.85 12.14 -17.19
C GLN B 26 -3.30 10.75 -16.79
N THR B 27 -2.82 9.73 -17.50
CA THR B 27 -3.20 8.36 -17.18
C THR B 27 -2.55 7.92 -15.89
N LEU B 28 -3.06 6.84 -15.30
CA LEU B 28 -2.52 6.33 -14.04
C LEU B 28 -1.28 5.47 -14.23
N PRO B 29 -0.44 5.41 -13.20
CA PRO B 29 0.78 4.58 -13.28
C PRO B 29 0.29 3.16 -12.99
N ALA B 30 1.13 2.17 -13.22
CA ALA B 30 0.72 0.82 -12.91
C ALA B 30 0.50 0.74 -11.41
N VAL B 31 -0.45 -0.06 -10.95
CA VAL B 31 -0.72 -0.18 -9.53
C VAL B 31 -1.10 -1.60 -9.15
N ARG B 32 -0.99 -1.90 -7.86
CA ARG B 32 -1.30 -3.23 -7.35
C ARG B 32 -2.38 -3.10 -6.30
N GLN B 33 -2.64 -1.86 -5.92
CA GLN B 33 -3.65 -1.55 -4.93
C GLN B 33 -4.19 -0.19 -5.34
N LEU B 34 -5.43 0.09 -4.96
CA LEU B 34 -6.05 1.36 -5.30
C LEU B 34 -7.20 1.67 -4.35
N THR B 35 -7.24 2.91 -3.88
CA THR B 35 -8.30 3.37 -2.97
C THR B 35 -8.92 4.62 -3.60
N VAL B 36 -10.22 4.56 -3.85
CA VAL B 36 -10.92 5.70 -4.43
C VAL B 36 -12.03 6.19 -3.52
N CYS B 37 -11.89 7.44 -3.09
CA CYS B 37 -12.88 8.04 -2.20
C CYS B 37 -13.43 9.32 -2.81
N GLN B 38 -14.68 9.63 -2.50
CA GLN B 38 -15.33 10.85 -2.97
C GLN B 38 -16.67 11.06 -2.29
N ARG B 39 -17.16 12.29 -2.40
CA ARG B 39 -18.45 12.65 -1.86
C ARG B 39 -19.41 12.63 -3.05
N ILE B 40 -20.52 11.95 -2.90
CA ILE B 40 -21.49 11.87 -3.98
C ILE B 40 -22.92 12.16 -3.54
N LYS B 41 -23.68 12.71 -4.48
CA LYS B 41 -25.09 13.01 -4.27
C LYS B 41 -25.77 12.29 -5.44
N PRO B 42 -26.22 11.05 -5.20
CA PRO B 42 -26.88 10.24 -6.24
C PRO B 42 -28.25 10.75 -6.66
N PHE B 43 -28.53 10.68 -7.96
CA PHE B 43 -29.81 11.11 -8.51
C PHE B 43 -30.76 9.93 -8.76
N HIS B 44 -30.21 8.75 -9.06
CA HIS B 44 -31.06 7.59 -9.31
C HIS B 44 -30.68 6.36 -8.47
N ARG B 45 -31.64 5.45 -8.30
CA ARG B 45 -31.40 4.23 -7.53
C ARG B 45 -30.74 3.16 -8.37
N ASN B 46 -30.90 3.26 -9.69
CA ASN B 46 -30.33 2.26 -10.58
C ASN B 46 -28.81 2.34 -10.68
N THR B 47 -28.20 1.19 -10.98
CA THR B 47 -26.76 1.07 -11.10
C THR B 47 -26.13 2.11 -12.00
N GLY B 48 -25.00 2.65 -11.54
CA GLY B 48 -24.27 3.64 -12.31
C GLY B 48 -22.79 3.50 -12.00
N TYR B 49 -21.95 3.70 -13.00
CA TYR B 49 -20.50 3.60 -12.82
C TYR B 49 -19.95 4.99 -12.55
N ILE B 50 -19.21 5.12 -11.45
CA ILE B 50 -18.65 6.39 -11.05
C ILE B 50 -17.22 6.59 -11.55
N PHE B 51 -16.32 5.69 -11.13
CA PHE B 51 -14.90 5.71 -11.49
C PHE B 51 -14.59 4.57 -12.45
N SER B 52 -14.17 4.92 -13.66
CA SER B 52 -13.85 3.93 -14.69
C SER B 52 -12.41 4.08 -15.18
N CYS B 53 -11.64 2.98 -15.11
CA CYS B 53 -10.26 2.98 -15.55
C CYS B 53 -10.05 1.95 -16.65
N ALA B 54 -9.50 2.39 -17.77
CA ALA B 54 -9.28 1.48 -18.90
C ALA B 54 -7.94 1.65 -19.59
N THR B 55 -7.42 0.54 -20.10
CA THR B 55 -6.17 0.51 -20.86
C THR B 55 -6.54 -0.08 -22.21
N SER B 56 -5.64 0.04 -23.18
CA SER B 56 -5.90 -0.47 -24.53
C SER B 56 -6.23 -1.97 -24.57
N ASN B 57 -5.59 -2.72 -23.70
CA ASN B 57 -5.80 -4.17 -23.63
C ASN B 57 -7.00 -4.57 -22.76
N GLN B 58 -7.44 -3.69 -21.87
CA GLN B 58 -8.55 -3.99 -20.97
C GLN B 58 -9.31 -2.73 -20.58
N ASP B 59 -10.54 -2.62 -21.09
CA ASP B 59 -11.37 -1.46 -20.82
C ASP B 59 -12.00 -1.51 -19.43
N ASN B 60 -11.96 -2.68 -18.81
CA ASN B 60 -12.53 -2.86 -17.49
C ASN B 60 -11.43 -3.18 -16.47
N GLN B 61 -10.41 -2.33 -16.40
CA GLN B 61 -9.32 -2.53 -15.43
C GLN B 61 -9.82 -2.35 -14.00
N PHE B 62 -10.55 -1.27 -13.78
CA PHE B 62 -11.07 -0.96 -12.45
C PHE B 62 -12.30 -0.04 -12.61
N ILE B 63 -13.44 -0.48 -12.09
CA ILE B 63 -14.68 0.28 -12.18
C ILE B 63 -15.50 0.24 -10.90
N THR B 64 -15.84 1.40 -10.36
CA THR B 64 -16.66 1.45 -9.15
C THR B 64 -18.08 1.77 -9.56
N SER B 65 -19.04 1.33 -8.75
CA SER B 65 -20.44 1.58 -9.05
C SER B 65 -21.27 1.45 -7.79
N MET B 66 -22.53 1.85 -7.90
CA MET B 66 -23.45 1.78 -6.78
C MET B 66 -24.88 1.69 -7.31
N TYR B 67 -25.79 1.32 -6.40
CA TYR B 67 -27.20 1.25 -6.70
C TYR B 67 -27.90 1.19 -5.34
N VAL B 68 -29.15 1.59 -5.30
CA VAL B 68 -29.88 1.59 -4.04
C VAL B 68 -31.02 0.59 -4.15
N LYS B 69 -31.17 -0.25 -3.14
CA LYS B 69 -32.26 -1.22 -3.12
C LYS B 69 -33.58 -0.49 -2.87
N SER B 70 -34.68 -1.24 -2.93
CA SER B 70 -36.02 -0.69 -2.70
C SER B 70 -36.18 -0.14 -1.29
N ASP B 71 -35.60 -0.85 -0.32
CA ASP B 71 -35.65 -0.44 1.08
C ASP B 71 -34.74 0.77 1.34
N GLY B 72 -33.99 1.17 0.31
CA GLY B 72 -33.11 2.31 0.42
C GLY B 72 -31.67 1.99 0.79
N THR B 73 -31.36 0.72 0.96
CA THR B 73 -30.02 0.31 1.34
C THR B 73 -29.00 0.59 0.24
N LEU B 74 -27.85 1.14 0.62
CA LEU B 74 -26.80 1.45 -0.33
C LEU B 74 -26.02 0.18 -0.69
N ASN B 75 -25.61 0.09 -1.94
CA ASN B 75 -24.83 -1.05 -2.39
C ASN B 75 -23.67 -0.56 -3.25
N LEU B 76 -22.46 -0.80 -2.77
CA LEU B 76 -21.28 -0.38 -3.50
C LEU B 76 -20.68 -1.54 -4.27
N GLY B 77 -20.40 -1.31 -5.55
CA GLY B 77 -19.81 -2.36 -6.36
C GLY B 77 -18.44 -2.04 -6.90
N LEU B 78 -17.69 -3.11 -7.21
CA LEU B 78 -16.34 -2.98 -7.74
C LEU B 78 -16.09 -4.09 -8.76
N GLN B 79 -15.35 -3.76 -9.80
CA GLN B 79 -15.01 -4.73 -10.83
C GLN B 79 -13.54 -4.56 -11.19
N VAL B 80 -12.78 -5.65 -11.16
CA VAL B 80 -11.36 -5.63 -11.48
C VAL B 80 -11.02 -6.64 -12.59
N ASN B 81 -10.22 -6.21 -13.55
CA ASN B 81 -9.79 -7.04 -14.67
C ASN B 81 -10.98 -7.79 -15.28
N ALA B 82 -12.05 -7.02 -15.54
CA ALA B 82 -13.27 -7.54 -16.14
C ALA B 82 -13.96 -8.68 -15.41
N SER B 83 -13.86 -8.70 -14.08
CA SER B 83 -14.52 -9.72 -13.29
C SER B 83 -15.97 -9.28 -13.27
N SER B 84 -16.81 -9.97 -12.50
CA SER B 84 -18.21 -9.55 -12.43
C SER B 84 -18.24 -8.49 -11.34
N ASN B 85 -19.24 -7.60 -11.37
CA ASN B 85 -19.34 -6.56 -10.35
C ASN B 85 -19.59 -7.21 -8.99
N LYS B 86 -18.70 -6.95 -8.04
CA LYS B 86 -18.83 -7.48 -6.70
C LYS B 86 -19.54 -6.40 -5.89
N TYR B 87 -20.55 -6.79 -5.11
CA TYR B 87 -21.31 -5.82 -4.32
C TYR B 87 -21.25 -6.10 -2.85
N ILE B 88 -21.29 -5.02 -2.07
CA ILE B 88 -21.28 -5.09 -0.61
C ILE B 88 -22.31 -4.05 -0.18
N SER B 89 -23.32 -4.48 0.57
CA SER B 89 -24.33 -3.54 1.00
C SER B 89 -23.91 -2.82 2.28
N CYS B 90 -24.36 -1.58 2.42
CA CYS B 90 -24.03 -0.76 3.58
C CYS B 90 -25.27 -0.50 4.42
N PRO B 91 -25.13 -0.63 5.74
CA PRO B 91 -26.21 -0.42 6.70
C PRO B 91 -26.62 1.06 6.81
N ILE B 92 -26.97 1.66 5.66
CA ILE B 92 -27.36 3.05 5.65
C ILE B 92 -28.43 3.27 4.61
N GLU B 93 -29.46 4.03 4.95
CA GLU B 93 -30.54 4.29 4.01
C GLU B 93 -30.27 5.54 3.19
N ILE B 94 -30.17 5.34 1.89
CA ILE B 94 -29.89 6.41 0.95
C ILE B 94 -31.14 7.20 0.53
N GLU B 95 -31.01 8.51 0.51
CA GLU B 95 -32.07 9.42 0.09
C GLU B 95 -31.49 10.13 -1.13
N LEU B 96 -31.98 9.79 -2.32
CA LEU B 96 -31.48 10.44 -3.53
C LEU B 96 -31.47 11.96 -3.34
N GLY B 97 -30.40 12.61 -3.82
CA GLY B 97 -30.33 14.05 -3.67
C GLY B 97 -29.61 14.50 -2.41
N GLN B 98 -29.14 13.54 -1.61
CA GLN B 98 -28.40 13.87 -0.39
C GLN B 98 -26.94 13.44 -0.53
N TRP B 99 -26.05 14.08 0.23
CA TRP B 99 -24.62 13.79 0.19
C TRP B 99 -24.16 12.61 1.05
N TYR B 100 -23.18 11.87 0.55
CA TYR B 100 -22.61 10.74 1.27
C TYR B 100 -21.14 10.62 0.86
N HIS B 101 -20.29 10.18 1.79
CA HIS B 101 -18.90 9.96 1.43
C HIS B 101 -18.75 8.44 1.20
N VAL B 102 -18.05 8.07 0.13
CA VAL B 102 -17.88 6.66 -0.19
C VAL B 102 -16.43 6.35 -0.59
N CYS B 103 -15.92 5.21 -0.15
CA CYS B 103 -14.58 4.78 -0.51
C CYS B 103 -14.62 3.34 -0.98
N HIS B 104 -13.76 3.02 -1.95
CA HIS B 104 -13.61 1.66 -2.45
C HIS B 104 -12.14 1.36 -2.25
N VAL B 105 -11.83 0.35 -1.44
CA VAL B 105 -10.45 -0.02 -1.20
C VAL B 105 -10.19 -1.38 -1.83
N TRP B 106 -9.24 -1.43 -2.75
CA TRP B 106 -8.90 -2.69 -3.43
C TRP B 106 -7.42 -3.04 -3.32
N SER B 107 -7.14 -4.32 -3.11
CA SER B 107 -5.76 -4.79 -3.04
C SER B 107 -5.55 -6.02 -3.91
N GLY B 108 -4.87 -5.84 -5.04
CA GLY B 108 -4.62 -6.96 -5.91
C GLY B 108 -3.67 -7.95 -5.27
N VAL B 109 -2.91 -7.49 -4.27
CA VAL B 109 -1.97 -8.36 -3.62
C VAL B 109 -2.63 -9.54 -2.92
N ASP B 110 -3.64 -9.27 -2.11
CA ASP B 110 -4.32 -10.37 -1.44
C ASP B 110 -5.72 -10.60 -2.01
N GLY B 111 -6.10 -9.74 -2.96
CA GLY B 111 -7.40 -9.84 -3.60
C GLY B 111 -8.58 -9.40 -2.76
N ARG B 112 -8.33 -8.56 -1.77
CA ARG B 112 -9.42 -8.11 -0.92
C ARG B 112 -10.06 -6.80 -1.35
N MET B 113 -11.38 -6.77 -1.20
CA MET B 113 -12.20 -5.60 -1.52
C MET B 113 -12.91 -5.15 -0.24
N ALA B 114 -12.91 -3.84 0.00
CA ALA B 114 -13.55 -3.27 1.18
C ALA B 114 -14.18 -1.94 0.78
N VAL B 115 -15.40 -1.69 1.24
CA VAL B 115 -16.08 -0.44 0.92
C VAL B 115 -16.48 0.28 2.20
N TYR B 116 -16.58 1.60 2.11
CA TYR B 116 -16.94 2.41 3.26
C TYR B 116 -18.01 3.44 2.89
N ALA B 117 -18.93 3.71 3.81
CA ALA B 117 -19.95 4.73 3.61
C ALA B 117 -19.85 5.65 4.82
N ASN B 118 -19.52 6.91 4.57
CA ASN B 118 -19.34 7.93 5.60
C ASN B 118 -18.26 7.61 6.63
N GLY B 119 -17.13 7.10 6.13
CA GLY B 119 -16.02 6.78 7.00
C GLY B 119 -16.08 5.47 7.76
N SER B 120 -17.22 4.76 7.66
CA SER B 120 -17.37 3.48 8.34
C SER B 120 -17.34 2.30 7.38
N PRO B 121 -16.79 1.16 7.85
CA PRO B 121 -16.69 -0.05 7.03
C PRO B 121 -18.06 -0.75 6.87
N CYS B 122 -18.40 -1.10 5.64
CA CYS B 122 -19.67 -1.78 5.36
C CYS B 122 -19.46 -3.28 5.31
N GLY B 123 -18.23 -3.69 4.99
CA GLY B 123 -17.91 -5.10 4.90
C GLY B 123 -16.79 -5.32 3.89
N THR B 124 -16.32 -6.55 3.78
CA THR B 124 -15.24 -6.85 2.84
C THR B 124 -15.58 -8.06 1.99
N MET B 125 -14.78 -8.31 0.97
CA MET B 125 -14.99 -9.45 0.11
C MET B 125 -13.66 -9.96 -0.44
N GLU B 126 -13.57 -11.29 -0.59
CA GLU B 126 -12.35 -11.93 -1.09
C GLU B 126 -12.37 -12.23 -2.58
N ASN B 127 -11.21 -12.62 -3.10
CA ASN B 127 -11.09 -12.96 -4.50
C ASN B 127 -11.61 -11.94 -5.48
N VAL B 128 -11.09 -10.73 -5.39
CA VAL B 128 -11.49 -9.68 -6.31
C VAL B 128 -10.18 -9.14 -6.86
N GLY B 129 -9.83 -9.60 -8.06
CA GLY B 129 -8.59 -9.16 -8.69
C GLY B 129 -7.36 -9.70 -7.99
N LYS B 130 -7.51 -10.85 -7.34
CA LYS B 130 -6.42 -11.47 -6.62
C LYS B 130 -5.27 -11.78 -7.56
N GLY B 131 -4.11 -11.19 -7.30
CA GLY B 131 -2.95 -11.43 -8.14
C GLY B 131 -2.92 -10.52 -9.35
N HIS B 132 -3.95 -9.71 -9.54
CA HIS B 132 -3.98 -8.80 -10.69
C HIS B 132 -3.26 -7.49 -10.44
N GLN B 133 -2.65 -6.98 -11.49
CA GLN B 133 -1.95 -5.70 -11.43
C GLN B 133 -2.44 -4.89 -12.61
N ILE B 134 -2.99 -3.71 -12.32
CA ILE B 134 -3.46 -2.87 -13.40
C ILE B 134 -2.25 -2.39 -14.17
N SER B 135 -2.29 -2.57 -15.48
CA SER B 135 -1.19 -2.19 -16.36
C SER B 135 -1.05 -0.67 -16.40
N ALA B 136 0.18 -0.21 -16.60
CA ALA B 136 0.44 1.23 -16.65
C ALA B 136 -0.36 1.89 -17.77
N GLY B 137 -0.70 3.15 -17.59
CA GLY B 137 -1.42 3.90 -18.61
C GLY B 137 -2.93 3.92 -18.58
N GLY B 138 -3.53 3.57 -17.45
CA GLY B 138 -4.98 3.58 -17.37
C GLY B 138 -5.57 4.95 -17.51
N THR B 139 -6.62 5.07 -18.33
CA THR B 139 -7.32 6.32 -18.52
C THR B 139 -8.51 6.34 -17.58
N VAL B 140 -8.68 7.43 -16.84
CA VAL B 140 -9.78 7.54 -15.90
C VAL B 140 -10.92 8.45 -16.37
N VAL B 141 -12.13 7.91 -16.31
CA VAL B 141 -13.33 8.63 -16.69
C VAL B 141 -14.31 8.60 -15.52
N ILE B 142 -14.93 9.75 -15.23
CA ILE B 142 -15.89 9.84 -14.14
C ILE B 142 -17.28 10.06 -14.70
N GLY B 143 -18.26 9.28 -14.22
CA GLY B 143 -19.62 9.46 -14.69
C GLY B 143 -20.08 8.56 -15.83
N GLN B 144 -19.14 7.92 -16.53
CA GLN B 144 -19.47 7.03 -17.63
C GLN B 144 -18.58 5.79 -17.58
N GLU B 145 -19.04 4.69 -18.19
CA GLU B 145 -18.28 3.43 -18.20
C GLU B 145 -17.64 3.23 -19.58
N GLN B 146 -16.31 3.26 -19.63
CA GLN B 146 -15.60 3.12 -20.90
C GLN B 146 -15.60 1.70 -21.46
N ASP B 147 -15.78 1.60 -22.77
CA ASP B 147 -15.72 0.31 -23.45
C ASP B 147 -14.59 0.51 -24.45
N LYS B 148 -13.97 1.68 -24.34
CA LYS B 148 -12.88 2.10 -25.21
C LYS B 148 -12.18 3.26 -24.47
N ILE B 149 -10.89 3.43 -24.68
CA ILE B 149 -10.19 4.52 -23.99
C ILE B 149 -10.89 5.86 -24.18
N GLY B 150 -11.46 6.37 -23.09
CA GLY B 150 -12.14 7.65 -23.15
C GLY B 150 -13.47 7.66 -23.90
N GLY B 151 -14.03 6.48 -24.14
CA GLY B 151 -15.30 6.44 -24.86
C GLY B 151 -16.07 5.14 -24.84
N GLY B 152 -16.97 4.99 -25.81
CA GLY B 152 -17.79 3.79 -25.90
C GLY B 152 -18.74 3.73 -24.73
N PHE B 153 -19.35 4.87 -24.38
CA PHE B 153 -20.26 4.93 -23.24
C PHE B 153 -21.66 4.38 -23.53
N GLU B 154 -22.27 3.79 -22.50
CA GLU B 154 -23.62 3.23 -22.58
C GLU B 154 -24.47 4.03 -21.59
N GLU B 155 -25.61 4.55 -22.01
CA GLU B 155 -26.41 5.34 -21.08
C GLU B 155 -26.93 4.59 -19.86
N GLN B 156 -27.30 3.32 -19.99
CA GLN B 156 -27.81 2.59 -18.84
C GLN B 156 -26.69 2.28 -17.83
N GLU B 157 -25.46 2.67 -18.16
CA GLU B 157 -24.32 2.41 -17.27
C GLU B 157 -23.73 3.71 -16.73
N SER B 158 -24.32 4.85 -17.12
CA SER B 158 -23.84 6.14 -16.64
C SER B 158 -24.28 6.38 -15.21
N TRP B 159 -23.72 7.40 -14.57
CA TRP B 159 -24.07 7.74 -13.20
C TRP B 159 -24.37 9.21 -13.12
N SER B 160 -25.57 9.56 -12.67
CA SER B 160 -25.96 10.96 -12.55
C SER B 160 -26.00 11.39 -11.10
N GLY B 161 -25.55 12.61 -10.85
CA GLY B 161 -25.53 13.11 -9.50
C GLY B 161 -24.47 14.16 -9.38
N GLU B 162 -24.13 14.53 -8.15
CA GLU B 162 -23.11 15.52 -7.91
C GLU B 162 -21.94 14.84 -7.22
N LEU B 163 -20.73 15.27 -7.56
CA LEU B 163 -19.52 14.67 -7.01
C LEU B 163 -18.44 15.68 -6.68
N SER B 164 -17.69 15.42 -5.62
CA SER B 164 -16.60 16.30 -5.23
C SER B 164 -15.62 15.59 -4.30
N ASP B 165 -14.45 16.20 -4.11
CA ASP B 165 -13.43 15.67 -3.24
C ASP B 165 -12.96 14.27 -3.62
N LEU B 166 -12.71 14.05 -4.91
CA LEU B 166 -12.23 12.75 -5.39
C LEU B 166 -10.75 12.61 -5.01
N GLN B 167 -10.44 11.60 -4.21
CA GLN B 167 -9.08 11.34 -3.78
C GLN B 167 -8.75 9.89 -4.08
N VAL B 168 -7.60 9.65 -4.72
CA VAL B 168 -7.18 8.30 -5.09
C VAL B 168 -5.73 7.98 -4.72
N TRP B 169 -5.55 6.86 -4.02
CA TRP B 169 -4.24 6.40 -3.59
C TRP B 169 -3.88 5.07 -4.24
N ASP B 170 -2.59 4.83 -4.47
CA ASP B 170 -2.17 3.56 -5.05
C ASP B 170 -1.80 2.61 -3.91
N GLU B 171 -2.44 2.80 -2.77
CA GLU B 171 -2.25 1.95 -1.60
C GLU B 171 -3.63 1.55 -1.11
N ALA B 172 -3.73 0.52 -0.28
CA ALA B 172 -5.02 0.10 0.23
C ALA B 172 -5.13 0.64 1.64
N LEU B 173 -5.77 1.80 1.76
CA LEU B 173 -5.92 2.46 3.07
C LEU B 173 -6.54 1.58 4.15
N THR B 174 -6.21 1.89 5.40
CA THR B 174 -6.72 1.13 6.55
C THR B 174 -8.07 1.70 6.96
N THR B 175 -8.77 0.95 7.81
CA THR B 175 -10.08 1.38 8.30
C THR B 175 -9.95 2.70 9.03
N HIS B 176 -8.90 2.85 9.82
CA HIS B 176 -8.72 4.11 10.53
C HIS B 176 -8.40 5.25 9.57
N GLN B 177 -7.56 4.97 8.58
CA GLN B 177 -7.22 6.01 7.61
C GLN B 177 -8.46 6.50 6.87
N VAL B 178 -9.27 5.56 6.37
CA VAL B 178 -10.48 5.93 5.64
C VAL B 178 -11.36 6.87 6.46
N SER B 179 -11.52 6.58 7.75
CA SER B 179 -12.35 7.44 8.58
C SER B 179 -11.84 8.87 8.60
N THR B 180 -10.53 9.06 8.60
CA THR B 180 -9.96 10.41 8.61
C THR B 180 -10.19 11.10 7.26
N VAL B 181 -10.35 10.30 6.22
CA VAL B 181 -10.57 10.83 4.88
C VAL B 181 -12.01 11.36 4.71
N ALA B 182 -12.99 10.58 5.19
CA ALA B 182 -14.40 10.94 5.08
C ALA B 182 -14.78 12.12 5.95
N SER B 183 -14.05 12.32 7.04
CA SER B 183 -14.31 13.42 7.98
C SER B 183 -14.27 14.78 7.29
N CYS B 184 -15.29 15.60 7.54
CA CYS B 184 -15.39 16.93 6.95
C CYS B 184 -14.45 17.96 7.55
N ASN B 185 -14.16 17.82 8.83
CA ASN B 185 -13.31 18.78 9.53
C ASN B 185 -11.98 18.20 9.96
N GLY B 186 -11.71 16.97 9.55
CA GLY B 186 -10.45 16.38 9.92
C GLY B 186 -9.31 17.15 9.28
N ILE B 187 -8.29 16.42 8.82
CA ILE B 187 -7.17 17.05 8.17
C ILE B 187 -7.46 17.05 6.67
N ARG B 188 -8.48 16.29 6.28
CA ARG B 188 -8.87 16.20 4.87
C ARG B 188 -7.63 15.79 4.07
N PRO B 189 -7.29 14.50 4.09
CA PRO B 189 -6.12 14.01 3.34
C PRO B 189 -6.33 14.10 1.84
N ARG B 190 -5.24 14.14 1.08
CA ARG B 190 -5.30 14.22 -0.37
C ARG B 190 -4.68 12.98 -1.01
N GLY B 191 -5.35 12.45 -2.03
CA GLY B 191 -4.85 11.28 -2.71
C GLY B 191 -3.51 11.55 -3.34
N ASN B 192 -2.65 10.53 -3.39
CA ASN B 192 -1.33 10.68 -3.98
C ASN B 192 -1.32 10.41 -5.48
N VAL B 193 -2.34 9.71 -5.99
CA VAL B 193 -2.41 9.43 -7.42
C VAL B 193 -3.27 10.48 -8.10
N ILE B 194 -4.41 10.78 -7.49
CA ILE B 194 -5.32 11.82 -7.99
C ILE B 194 -5.82 12.61 -6.79
N SER B 195 -5.67 13.93 -6.85
CA SER B 195 -6.11 14.82 -5.78
C SER B 195 -7.07 15.80 -6.42
N TRP B 196 -8.33 15.77 -5.98
CA TRP B 196 -9.36 16.64 -6.54
C TRP B 196 -8.90 18.08 -6.76
N MET B 197 -9.08 18.56 -7.97
CA MET B 197 -8.70 19.92 -8.36
C MET B 197 -7.20 20.18 -8.41
N GLU B 198 -6.39 19.14 -8.22
CA GLU B 198 -4.94 19.26 -8.29
C GLU B 198 -4.41 18.50 -9.51
N ASP B 199 -5.28 17.72 -10.15
CA ASP B 199 -4.91 16.96 -11.34
C ASP B 199 -5.93 17.30 -12.40
N SER B 200 -5.48 18.01 -13.42
CA SER B 200 -6.36 18.47 -14.48
C SER B 200 -7.15 17.36 -15.16
N PHE B 201 -8.36 17.70 -15.56
CA PHE B 201 -9.24 16.75 -16.24
C PHE B 201 -10.09 17.48 -17.27
N VAL B 202 -10.56 16.73 -18.26
CA VAL B 202 -11.35 17.31 -19.32
C VAL B 202 -12.83 17.18 -18.98
N ALA B 203 -13.59 18.25 -19.23
CA ALA B 203 -15.01 18.27 -18.95
C ALA B 203 -15.76 18.29 -20.27
N ASP B 204 -16.74 17.42 -20.42
CA ASP B 204 -17.50 17.39 -21.66
C ASP B 204 -18.98 17.03 -21.47
N ASP B 205 -19.77 17.38 -22.47
CA ASP B 205 -21.20 17.12 -22.53
C ASP B 205 -22.06 17.68 -21.43
N GLY B 206 -21.85 18.95 -21.14
CA GLY B 206 -22.66 19.65 -20.16
C GLY B 206 -22.55 19.41 -18.66
N VAL B 207 -21.43 18.90 -18.18
CA VAL B 207 -21.29 18.71 -16.74
C VAL B 207 -21.32 20.14 -16.16
N ILE B 208 -21.82 20.28 -14.94
CA ILE B 208 -21.89 21.61 -14.34
C ILE B 208 -20.89 21.79 -13.19
N VAL B 209 -20.11 22.86 -13.27
CA VAL B 209 -19.12 23.16 -12.24
C VAL B 209 -19.76 24.05 -11.18
N GLY B 210 -19.81 23.56 -9.95
CA GLY B 210 -20.41 24.32 -8.87
C GLY B 210 -19.67 24.13 -7.57
N ILE B 211 -20.39 24.30 -6.45
CA ILE B 211 -19.77 24.16 -5.13
C ILE B 211 -20.57 23.25 -4.18
N SER B 212 -19.88 22.26 -3.61
CA SER B 212 -20.52 21.31 -2.69
C SER B 212 -20.77 21.91 -1.33
N HIS B 213 -21.99 21.72 -0.82
CA HIS B 213 -22.34 22.24 0.51
C HIS B 213 -22.50 21.14 1.53
N MET B 214 -21.85 20.02 1.30
CA MET B 214 -21.92 18.90 2.22
C MET B 214 -21.23 19.23 3.53
N CYS B 215 -19.98 19.64 3.43
CA CYS B 215 -19.16 19.97 4.59
C CYS B 215 -19.36 21.35 5.18
N SER B 216 -19.58 22.33 4.32
CA SER B 216 -19.75 23.70 4.75
C SER B 216 -20.94 24.35 4.06
N LEU B 217 -21.68 25.17 4.78
CA LEU B 217 -22.85 25.84 4.25
C LEU B 217 -22.50 27.22 3.65
#